data_4DBN
#
_entry.id   4DBN
#
_cell.length_a   111.040
_cell.length_b   111.040
_cell.length_c   146.844
_cell.angle_alpha   90.000
_cell.angle_beta   90.000
_cell.angle_gamma   90.000
#
_symmetry.space_group_name_H-M   'P 41 21 2'
#
loop_
_entity.id
_entity.type
_entity.pdbx_description
1 polymer 'Serine/threonine-protein kinase B-raf'
2 non-polymer 2-chloro-3-(1-cyanocyclopropyl)-N-[5-({2-[(cyclopropylcarbonyl)amino][1,3]thiazolo[5,4-b]pyridin-5-yl}oxy)-2-fluorophenyl]benzamide
3 water water
#
_entity_poly.entity_id   1
_entity_poly.type   'polypeptide(L)'
_entity_poly.pdbx_seq_one_letter_code
;GSDSSDDWEIPDGQITVGQRIGSGSFGTVYKGKWHGDVAVKMLNVTAPTPQQLQAFKNEVGVLRKTRHVNILLFMGYSTK
PQLAIVTQWCEGSSLYHHLHIIETKFEMIKLIDIARQTAQGMDYLHAKSIIHRDLKSNNIFLHEDLTVKIGDFGLATVKS
RWSGSHQFEQLSGSILWMAPEVIRMQDKNPYSFQSDVYAFGIVLYELMTGQLPYSNINNRDQIIFMVGRGYLSPDLSKVR
SNCPKAMKRLMAECLKKKRDERPLFPQILASIELLARSLPKIHR
;
_entity_poly.pdbx_strand_id   A,B
#
loop_
_chem_comp.id
_chem_comp.type
_chem_comp.name
_chem_comp.formula
0JA non-polymer 2-chloro-3-(1-cyanocyclopropyl)-N-[5-({2-[(cyclopropylcarbonyl)amino][1,3]thiazolo[5,4-b]pyridin-5-yl}oxy)-2-fluorophenyl]benzamide 'C27 H19 Cl F N5 O3 S'
#
# COMPACT_ATOMS: atom_id res chain seq x y z
N ASP A 6 -6.52 -9.20 16.97
CA ASP A 6 -6.72 -8.91 15.50
C ASP A 6 -8.10 -9.37 15.00
N ASP A 7 -8.91 -8.43 14.51
CA ASP A 7 -10.18 -8.75 13.85
C ASP A 7 -10.44 -7.85 12.65
N TRP A 8 -10.70 -8.47 11.51
CA TRP A 8 -10.88 -7.74 10.27
C TRP A 8 -12.30 -7.85 9.72
N GLU A 9 -13.21 -8.43 10.50
CA GLU A 9 -14.59 -8.52 10.07
C GLU A 9 -15.15 -7.11 9.94
N ILE A 10 -15.65 -6.78 8.76
CA ILE A 10 -16.23 -5.48 8.51
C ILE A 10 -17.72 -5.56 8.86
N PRO A 11 -18.19 -4.70 9.79
CA PRO A 11 -19.62 -4.65 10.06
C PRO A 11 -20.47 -4.57 8.79
N ASP A 12 -21.71 -5.00 8.91
CA ASP A 12 -22.59 -5.10 7.75
C ASP A 12 -23.12 -3.73 7.36
N GLY A 13 -23.55 -3.60 6.11
CA GLY A 13 -24.10 -2.35 5.58
C GLY A 13 -23.12 -1.20 5.64
N GLN A 14 -21.84 -1.50 5.43
CA GLN A 14 -20.81 -0.48 5.31
C GLN A 14 -20.27 -0.46 3.88
N ILE A 15 -20.11 -1.64 3.29
CA ILE A 15 -19.60 -1.76 1.94
C ILE A 15 -20.71 -1.42 0.95
N THR A 16 -20.45 -0.43 0.11
CA THR A 16 -21.37 -0.07 -0.97
C THR A 16 -20.87 -0.70 -2.24
N VAL A 17 -21.55 -1.73 -2.71
CA VAL A 17 -21.19 -2.42 -3.94
C VAL A 17 -21.58 -1.54 -5.11
N GLY A 18 -20.67 -1.41 -6.08
CA GLY A 18 -20.91 -0.60 -7.26
C GLY A 18 -20.89 -1.43 -8.53
N GLN A 19 -20.06 -1.00 -9.49
CA GLN A 19 -20.00 -1.57 -10.83
C GLN A 19 -19.50 -3.02 -10.78
N ARG A 20 -19.91 -3.84 -11.74
CA ARG A 20 -19.49 -5.24 -11.79
C ARG A 20 -18.25 -5.36 -12.66
N ILE A 21 -17.26 -6.13 -12.19
CA ILE A 21 -15.94 -6.19 -12.83
C ILE A 21 -15.60 -7.56 -13.45
N GLY A 22 -16.12 -8.65 -12.88
CA GLY A 22 -15.83 -9.97 -13.40
C GLY A 22 -16.59 -11.10 -12.72
N SER A 23 -16.94 -12.10 -13.51
CA SER A 23 -17.66 -13.28 -13.04
C SER A 23 -16.87 -14.53 -13.42
N GLY A 24 -16.87 -15.52 -12.54
CA GLY A 24 -16.35 -16.86 -12.89
C GLY A 24 -17.02 -18.07 -12.22
N SER A 25 -18.13 -17.81 -11.51
CA SER A 25 -18.91 -18.84 -10.79
C SER A 25 -18.32 -19.25 -9.42
N PHE A 26 -16.99 -19.18 -9.27
CA PHE A 26 -16.34 -19.38 -7.97
C PHE A 26 -16.19 -18.06 -7.20
N GLY A 27 -17.22 -17.21 -7.30
CA GLY A 27 -17.20 -15.85 -6.75
C GLY A 27 -17.52 -14.78 -7.80
N THR A 28 -17.89 -13.59 -7.34
CA THR A 28 -18.12 -12.42 -8.21
C THR A 28 -17.41 -11.19 -7.61
N VAL A 29 -16.77 -10.39 -8.45
CA VAL A 29 -16.02 -9.22 -7.98
C VAL A 29 -16.58 -7.88 -8.50
N TYR A 30 -16.87 -6.97 -7.57
CA TYR A 30 -17.38 -5.64 -7.91
C TYR A 30 -16.40 -4.57 -7.43
N LYS A 31 -16.63 -3.33 -7.85
CA LYS A 31 -15.91 -2.18 -7.31
C LYS A 31 -16.79 -1.51 -6.28
N GLY A 32 -16.21 -1.14 -5.14
CA GLY A 32 -17.00 -0.64 -4.02
C GLY A 32 -16.45 0.56 -3.27
N LYS A 33 -17.24 1.06 -2.33
CA LYS A 33 -16.83 2.15 -1.49
C LYS A 33 -16.79 1.64 -0.06
N TRP A 34 -15.59 1.70 0.52
CA TRP A 34 -15.39 1.46 1.95
C TRP A 34 -14.11 2.20 2.34
N HIS A 35 -14.28 3.37 2.95
CA HIS A 35 -13.17 4.26 3.26
C HIS A 35 -12.35 4.48 2.00
N GLY A 36 -12.98 5.11 1.01
CA GLY A 36 -12.43 5.23 -0.33
C GLY A 36 -12.75 4.00 -1.18
N ASP A 37 -12.08 3.87 -2.33
CA ASP A 37 -12.36 2.79 -3.27
C ASP A 37 -11.84 1.45 -2.74
N VAL A 38 -12.61 0.40 -2.99
CA VAL A 38 -12.22 -0.98 -2.65
C VAL A 38 -12.67 -1.98 -3.71
N ALA A 39 -12.03 -3.15 -3.73
CA ALA A 39 -12.52 -4.28 -4.54
C ALA A 39 -13.27 -5.21 -3.62
N VAL A 40 -14.41 -5.72 -4.06
CA VAL A 40 -15.20 -6.64 -3.25
C VAL A 40 -15.47 -7.93 -4.01
N LYS A 41 -15.01 -9.05 -3.45
CA LYS A 41 -15.30 -10.37 -4.01
C LYS A 41 -16.42 -10.97 -3.18
N MET A 42 -17.54 -11.29 -3.83
CA MET A 42 -18.71 -11.85 -3.14
C MET A 42 -19.08 -13.26 -3.63
N LEU A 43 -20.00 -13.88 -2.91
CA LEU A 43 -20.59 -15.15 -3.32
C LEU A 43 -22.08 -14.92 -3.60
N ASN A 44 -22.48 -15.09 -4.86
CA ASN A 44 -23.88 -14.89 -5.29
C ASN A 44 -24.94 -15.57 -4.39
N VAL A 45 -24.95 -16.90 -4.37
CA VAL A 45 -25.99 -17.68 -3.68
C VAL A 45 -26.06 -17.29 -2.20
N THR A 46 -27.27 -17.00 -1.72
CA THR A 46 -27.49 -16.51 -0.35
C THR A 46 -27.09 -17.55 0.71
N ALA A 47 -27.78 -18.69 0.72
CA ALA A 47 -27.41 -19.80 1.61
C ALA A 47 -26.23 -20.57 1.01
N PRO A 48 -25.02 -20.40 1.58
CA PRO A 48 -23.80 -20.96 0.95
C PRO A 48 -23.59 -22.44 1.27
N THR A 49 -22.65 -23.07 0.55
CA THR A 49 -22.33 -24.48 0.75
C THR A 49 -21.15 -24.61 1.73
N PRO A 50 -20.82 -25.85 2.15
CA PRO A 50 -19.63 -26.04 2.97
C PRO A 50 -18.32 -25.80 2.21
N GLN A 51 -18.21 -26.34 0.99
CA GLN A 51 -17.01 -26.20 0.18
C GLN A 51 -16.75 -24.73 -0.17
N GLN A 52 -17.82 -23.98 -0.40
CA GLN A 52 -17.76 -22.54 -0.62
C GLN A 52 -17.20 -21.83 0.62
N LEU A 53 -17.79 -22.11 1.78
CA LEU A 53 -17.43 -21.42 3.03
C LEU A 53 -16.02 -21.72 3.51
N GLN A 54 -15.52 -22.91 3.18
CA GLN A 54 -14.15 -23.30 3.54
C GLN A 54 -13.12 -22.53 2.73
N ALA A 55 -13.36 -22.41 1.42
CA ALA A 55 -12.46 -21.67 0.52
C ALA A 55 -12.31 -20.21 0.93
N PHE A 56 -13.39 -19.63 1.42
CA PHE A 56 -13.39 -18.27 1.98
C PHE A 56 -12.43 -18.19 3.16
N LYS A 57 -12.63 -19.04 4.16
CA LYS A 57 -11.74 -19.08 5.33
C LYS A 57 -10.28 -19.30 4.94
N ASN A 58 -10.05 -20.09 3.91
CA ASN A 58 -8.70 -20.37 3.42
C ASN A 58 -8.08 -19.17 2.71
N GLU A 59 -8.88 -18.48 1.91
CA GLU A 59 -8.41 -17.31 1.17
C GLU A 59 -8.12 -16.17 2.14
N VAL A 60 -9.03 -15.94 3.07
CA VAL A 60 -8.85 -14.92 4.10
C VAL A 60 -7.65 -15.23 5.01
N GLY A 61 -7.41 -16.53 5.23
CA GLY A 61 -6.27 -16.98 6.02
C GLY A 61 -4.95 -16.68 5.35
N VAL A 62 -4.89 -16.85 4.04
CA VAL A 62 -3.67 -16.56 3.30
C VAL A 62 -3.45 -15.05 3.24
N LEU A 63 -4.49 -14.33 2.82
CA LEU A 63 -4.38 -12.90 2.64
C LEU A 63 -3.93 -12.17 3.92
N ARG A 64 -4.54 -12.51 5.05
CA ARG A 64 -4.23 -11.81 6.30
C ARG A 64 -2.78 -11.99 6.76
N LYS A 65 -2.07 -12.97 6.19
CA LYS A 65 -0.64 -13.15 6.48
C LYS A 65 0.27 -12.22 5.68
N THR A 66 -0.27 -11.44 4.74
CA THR A 66 0.59 -10.65 3.84
C THR A 66 0.50 -9.13 4.02
N ARG A 67 1.63 -8.51 4.28
CA ARG A 67 1.74 -7.05 4.34
C ARG A 67 3.00 -6.64 3.62
N HIS A 68 2.87 -6.34 2.34
CA HIS A 68 4.00 -5.98 1.50
C HIS A 68 3.52 -5.14 0.33
N VAL A 69 4.36 -4.21 -0.09
CA VAL A 69 3.98 -3.19 -1.05
C VAL A 69 3.57 -3.81 -2.40
N ASN A 70 4.20 -4.94 -2.73
CA ASN A 70 4.02 -5.62 -4.01
C ASN A 70 3.00 -6.75 -3.95
N ILE A 71 2.26 -6.87 -2.85
CA ILE A 71 1.13 -7.79 -2.79
C ILE A 71 -0.17 -7.03 -2.56
N LEU A 72 -1.22 -7.41 -3.28
CA LEU A 72 -2.55 -6.83 -3.15
C LEU A 72 -2.93 -6.69 -1.68
N LEU A 73 -3.21 -5.47 -1.23
CA LEU A 73 -3.49 -5.22 0.19
C LEU A 73 -4.90 -5.70 0.60
N PHE A 74 -4.94 -6.80 1.36
CA PHE A 74 -6.19 -7.25 1.98
C PHE A 74 -6.63 -6.22 3.01
N MET A 75 -7.92 -5.86 2.99
CA MET A 75 -8.46 -4.84 3.90
C MET A 75 -9.47 -5.41 4.91
N GLY A 76 -10.26 -6.38 4.49
CA GLY A 76 -11.20 -7.03 5.40
C GLY A 76 -12.07 -8.09 4.77
N TYR A 77 -12.91 -8.71 5.61
CA TYR A 77 -13.90 -9.68 5.17
C TYR A 77 -15.26 -9.39 5.78
N SER A 78 -16.31 -9.94 5.19
CA SER A 78 -17.66 -9.84 5.73
C SER A 78 -18.39 -11.15 5.48
N THR A 79 -19.22 -11.56 6.42
CA THR A 79 -20.04 -12.77 6.28
C THR A 79 -21.52 -12.54 6.62
N LYS A 80 -21.84 -11.49 7.38
CA LYS A 80 -23.14 -11.36 8.05
C LYS A 80 -24.35 -11.01 7.16
N PRO A 81 -24.13 -10.66 5.88
CA PRO A 81 -25.19 -10.92 4.89
C PRO A 81 -24.75 -12.01 3.91
N GLN A 82 -23.79 -11.71 3.04
CA GLN A 82 -23.16 -12.70 2.16
C GLN A 82 -21.67 -12.70 2.46
N LEU A 83 -21.00 -13.78 2.07
CA LEU A 83 -19.55 -13.88 2.23
C LEU A 83 -18.89 -12.94 1.26
N ALA A 84 -17.89 -12.19 1.72
CA ALA A 84 -17.25 -11.19 0.89
C ALA A 84 -15.87 -10.84 1.40
N ILE A 85 -14.92 -10.67 0.47
CA ILE A 85 -13.53 -10.32 0.81
C ILE A 85 -13.15 -8.99 0.16
N VAL A 86 -12.62 -8.09 0.98
CA VAL A 86 -12.32 -6.72 0.55
C VAL A 86 -10.82 -6.48 0.47
N THR A 87 -10.33 -6.15 -0.72
CA THR A 87 -8.95 -5.71 -0.89
C THR A 87 -8.91 -4.27 -1.40
N GLN A 88 -7.72 -3.72 -1.53
CA GLN A 88 -7.54 -2.39 -2.11
C GLN A 88 -8.05 -2.41 -3.53
N TRP A 89 -8.37 -1.24 -4.10
CA TRP A 89 -8.77 -1.16 -5.50
C TRP A 89 -7.63 -0.65 -6.36
N CYS A 90 -7.15 -1.48 -7.28
CA CYS A 90 -6.07 -1.10 -8.16
C CYS A 90 -6.54 -0.29 -9.36
N GLU A 91 -5.86 0.83 -9.61
CA GLU A 91 -6.04 1.66 -10.78
C GLU A 91 -5.00 1.31 -11.85
N GLY A 92 -5.42 1.19 -13.10
CA GLY A 92 -4.50 0.85 -14.18
C GLY A 92 -4.93 -0.39 -14.93
N SER A 93 -3.96 -1.25 -15.23
CA SER A 93 -4.25 -2.49 -15.93
C SER A 93 -3.29 -3.57 -15.47
N SER A 94 -3.66 -4.81 -15.72
CA SER A 94 -2.80 -5.94 -15.42
C SER A 94 -1.68 -6.01 -16.45
N LEU A 95 -0.64 -6.76 -16.13
CA LEU A 95 0.49 -6.93 -17.03
C LEU A 95 0.00 -7.56 -18.33
N TYR A 96 -0.83 -8.61 -18.20
CA TYR A 96 -1.40 -9.33 -19.34
C TYR A 96 -2.09 -8.35 -20.31
N HIS A 97 -2.93 -7.50 -19.74
CA HIS A 97 -3.69 -6.54 -20.49
C HIS A 97 -2.79 -5.53 -21.23
N HIS A 98 -1.72 -5.10 -20.57
CA HIS A 98 -0.79 -4.16 -21.15
C HIS A 98 -0.07 -4.79 -22.35
N LEU A 99 0.34 -6.03 -22.19
CA LEU A 99 1.20 -6.70 -23.17
C LEU A 99 0.44 -7.29 -24.36
N HIS A 100 -0.73 -7.86 -24.09
CA HIS A 100 -1.43 -8.70 -25.05
C HIS A 100 -2.74 -8.13 -25.57
N ILE A 101 -3.36 -7.22 -24.83
CA ILE A 101 -4.64 -6.68 -25.23
C ILE A 101 -4.42 -5.35 -25.93
N ILE A 102 -3.94 -4.34 -25.19
CA ILE A 102 -3.70 -3.01 -25.74
C ILE A 102 -2.22 -2.78 -26.12
N GLU A 103 -1.38 -3.79 -25.94
CA GLU A 103 0.00 -3.82 -26.47
C GLU A 103 0.80 -2.55 -26.17
N THR A 104 0.94 -2.23 -24.89
CA THR A 104 1.77 -1.11 -24.46
C THR A 104 3.24 -1.42 -24.74
N LYS A 105 3.97 -0.43 -25.22
CA LYS A 105 5.42 -0.57 -25.43
C LYS A 105 6.14 0.12 -24.28
N PHE A 106 6.56 -0.68 -23.31
CA PHE A 106 7.39 -0.21 -22.22
C PHE A 106 8.83 -0.17 -22.71
N GLU A 107 9.58 0.82 -22.25
CA GLU A 107 11.01 0.87 -22.49
C GLU A 107 11.68 -0.19 -21.61
N MET A 108 12.90 -0.58 -21.97
CA MET A 108 13.55 -1.73 -21.37
C MET A 108 13.82 -1.57 -19.88
N ILE A 109 14.15 -0.36 -19.44
CA ILE A 109 14.37 -0.07 -18.03
C ILE A 109 13.11 -0.36 -17.22
N LYS A 110 11.94 -0.08 -17.80
CA LYS A 110 10.66 -0.29 -17.13
C LYS A 110 10.32 -1.77 -17.03
N LEU A 111 10.53 -2.51 -18.10
CA LEU A 111 10.25 -3.94 -18.10
C LEU A 111 11.05 -4.66 -17.03
N ILE A 112 12.36 -4.39 -17.00
CA ILE A 112 13.24 -4.91 -15.95
C ILE A 112 12.63 -4.64 -14.59
N ASP A 113 12.28 -3.37 -14.36
CA ASP A 113 11.69 -2.96 -13.09
C ASP A 113 10.42 -3.75 -12.76
N ILE A 114 9.54 -3.91 -13.74
CA ILE A 114 8.33 -4.69 -13.53
C ILE A 114 8.72 -6.10 -13.04
N ALA A 115 9.76 -6.66 -13.64
CA ALA A 115 10.24 -7.99 -13.26
C ALA A 115 10.85 -7.97 -11.86
N ARG A 116 11.61 -6.92 -11.57
CA ARG A 116 12.24 -6.73 -10.24
C ARG A 116 11.18 -6.77 -9.15
N GLN A 117 10.13 -5.98 -9.31
CA GLN A 117 9.07 -5.91 -8.33
C GLN A 117 8.33 -7.22 -8.22
N THR A 118 8.02 -7.83 -9.35
CA THR A 118 7.30 -9.10 -9.34
C THR A 118 8.05 -10.13 -8.52
N ALA A 119 9.36 -10.24 -8.74
CA ALA A 119 10.20 -11.15 -7.98
C ALA A 119 10.26 -10.74 -6.52
N GLN A 120 10.35 -9.43 -6.27
CA GLN A 120 10.34 -8.88 -4.91
C GLN A 120 9.14 -9.38 -4.10
N GLY A 121 7.97 -9.43 -4.70
CA GLY A 121 6.78 -9.96 -4.04
C GLY A 121 6.80 -11.46 -3.86
N MET A 122 7.23 -12.18 -4.89
CA MET A 122 7.29 -13.63 -4.83
C MET A 122 8.28 -14.06 -3.77
N ASP A 123 9.35 -13.30 -3.61
CA ASP A 123 10.29 -13.51 -2.51
C ASP A 123 9.52 -13.42 -1.21
N TYR A 124 8.75 -12.35 -1.04
CA TYR A 124 7.96 -12.13 0.18
C TYR A 124 7.02 -13.31 0.47
N LEU A 125 6.29 -13.79 -0.54
CA LEU A 125 5.33 -14.86 -0.31
C LEU A 125 6.04 -16.14 0.16
N HIS A 126 7.04 -16.54 -0.60
CA HIS A 126 7.83 -17.72 -0.26
C HIS A 126 8.43 -17.64 1.13
N ALA A 127 8.90 -16.45 1.53
CA ALA A 127 9.40 -16.22 2.89
C ALA A 127 8.35 -16.62 3.92
N LYS A 128 7.07 -16.38 3.61
CA LYS A 128 5.98 -16.71 4.53
C LYS A 128 5.39 -18.10 4.28
N SER A 129 6.09 -18.90 3.49
CA SER A 129 5.65 -20.25 3.11
C SER A 129 4.31 -20.20 2.39
N ILE A 130 4.19 -19.31 1.41
CA ILE A 130 3.03 -19.24 0.55
C ILE A 130 3.46 -19.54 -0.88
N ILE A 131 2.98 -20.64 -1.44
CA ILE A 131 3.16 -20.94 -2.86
C ILE A 131 1.97 -20.38 -3.62
N HIS A 132 2.23 -19.57 -4.63
CA HIS A 132 1.15 -18.88 -5.34
C HIS A 132 0.28 -19.86 -6.11
N ARG A 133 0.94 -20.75 -6.86
CA ARG A 133 0.31 -21.83 -7.64
C ARG A 133 -0.32 -21.39 -8.97
N ASP A 134 -0.33 -20.08 -9.25
CA ASP A 134 -1.01 -19.56 -10.43
C ASP A 134 -0.53 -18.15 -10.77
N LEU A 135 0.77 -17.97 -10.79
CA LEU A 135 1.37 -16.72 -11.21
C LEU A 135 1.26 -16.64 -12.71
N LYS A 136 0.84 -15.48 -13.21
CA LYS A 136 0.82 -15.18 -14.63
C LYS A 136 0.60 -13.70 -14.81
N SER A 137 0.89 -13.20 -16.01
CA SER A 137 0.80 -11.76 -16.30
C SER A 137 -0.53 -11.12 -15.89
N ASN A 138 -1.64 -11.86 -15.96
CA ASN A 138 -2.91 -11.28 -15.58
C ASN A 138 -3.06 -11.13 -14.06
N ASN A 139 -2.28 -11.89 -13.31
CA ASN A 139 -2.27 -11.80 -11.86
C ASN A 139 -1.25 -10.79 -11.33
N ILE A 140 -0.46 -10.19 -12.24
CA ILE A 140 0.32 -9.00 -11.89
C ILE A 140 -0.46 -7.75 -12.30
N PHE A 141 -0.71 -6.85 -11.36
CA PHE A 141 -1.39 -5.60 -11.65
C PHE A 141 -0.37 -4.47 -11.59
N LEU A 142 -0.31 -3.65 -12.62
CA LEU A 142 0.63 -2.54 -12.67
C LEU A 142 -0.09 -1.32 -12.14
N HIS A 143 -0.11 -1.21 -10.81
CA HIS A 143 -0.93 -0.23 -10.11
C HIS A 143 -0.46 1.16 -10.43
N GLU A 144 -1.38 1.98 -10.91
CA GLU A 144 -1.11 3.38 -11.21
C GLU A 144 0.06 3.49 -12.19
N ASP A 145 0.11 2.53 -13.13
CA ASP A 145 1.20 2.39 -14.09
C ASP A 145 2.61 2.39 -13.46
N LEU A 146 2.73 2.15 -12.16
CA LEU A 146 4.02 2.31 -11.46
C LEU A 146 4.40 1.15 -10.50
N THR A 147 3.49 0.71 -9.65
CA THR A 147 3.79 -0.33 -8.65
C THR A 147 3.14 -1.67 -8.95
N VAL A 148 3.94 -2.73 -8.99
CA VAL A 148 3.42 -4.07 -9.26
C VAL A 148 2.75 -4.65 -8.03
N LYS A 149 1.49 -5.05 -8.18
CA LYS A 149 0.73 -5.65 -7.09
C LYS A 149 0.37 -7.08 -7.48
N ILE A 150 1.03 -8.07 -6.88
CA ILE A 150 0.71 -9.47 -7.19
C ILE A 150 -0.62 -9.83 -6.56
N GLY A 151 -1.40 -10.66 -7.25
CA GLY A 151 -2.70 -11.08 -6.75
C GLY A 151 -3.14 -12.42 -7.31
N ASP A 152 -4.43 -12.71 -7.21
CA ASP A 152 -4.99 -13.91 -7.82
C ASP A 152 -6.43 -13.64 -8.20
N PHE A 153 -6.64 -13.17 -9.41
CA PHE A 153 -7.94 -12.68 -9.84
C PHE A 153 -8.78 -13.71 -10.63
N GLY A 154 -8.37 -14.98 -10.59
CA GLY A 154 -9.11 -16.03 -11.31
C GLY A 154 -10.41 -16.40 -10.60
N LEU A 155 -11.45 -16.68 -11.38
CA LEU A 155 -12.72 -17.19 -10.83
C LEU A 155 -13.24 -18.35 -11.68
N GLY A 173 -7.69 -24.41 -16.26
CA GLY A 173 -6.34 -23.96 -15.94
C GLY A 173 -5.71 -23.07 -17.00
N SER A 174 -4.48 -22.61 -16.74
CA SER A 174 -3.72 -21.77 -17.67
C SER A 174 -2.35 -22.41 -17.89
N ILE A 175 -2.27 -23.22 -18.93
CA ILE A 175 -1.13 -24.10 -19.17
C ILE A 175 0.15 -23.34 -19.45
N LEU A 176 0.03 -22.20 -20.13
CA LEU A 176 1.22 -21.53 -20.66
C LEU A 176 2.27 -21.23 -19.59
N TRP A 177 1.82 -21.04 -18.33
CA TRP A 177 2.72 -20.74 -17.20
C TRP A 177 3.01 -21.96 -16.35
N MET A 178 2.38 -23.09 -16.68
CA MET A 178 2.49 -24.32 -15.90
C MET A 178 3.79 -25.05 -16.22
N ALA A 179 4.54 -25.41 -15.20
CA ALA A 179 5.82 -26.10 -15.38
C ALA A 179 5.62 -27.58 -15.68
N PRO A 180 6.59 -28.19 -16.37
CA PRO A 180 6.55 -29.59 -16.74
C PRO A 180 6.02 -30.51 -15.66
N GLU A 181 6.60 -30.45 -14.46
CA GLU A 181 6.24 -31.41 -13.41
C GLU A 181 4.80 -31.21 -12.94
N VAL A 182 4.29 -29.99 -13.09
CA VAL A 182 2.89 -29.68 -12.81
C VAL A 182 1.99 -30.21 -13.94
N ILE A 183 2.39 -29.94 -15.19
CA ILE A 183 1.69 -30.49 -16.35
C ILE A 183 1.53 -32.00 -16.23
N ARG A 184 2.58 -32.71 -15.84
CA ARG A 184 2.52 -34.17 -15.72
C ARG A 184 1.71 -34.69 -14.53
N MET A 185 1.14 -33.79 -13.72
CA MET A 185 0.52 -34.19 -12.45
C MET A 185 1.20 -35.44 -11.86
N GLN A 186 2.45 -35.24 -11.45
CA GLN A 186 3.28 -36.25 -10.78
C GLN A 186 2.60 -36.75 -9.49
N ASP A 187 2.69 -35.94 -8.42
CA ASP A 187 2.10 -36.27 -7.12
C ASP A 187 0.75 -35.58 -6.99
N LYS A 188 0.12 -35.69 -5.82
CA LYS A 188 -1.03 -34.83 -5.49
C LYS A 188 -0.53 -33.40 -5.28
N ASN A 189 0.71 -33.24 -4.80
CA ASN A 189 1.35 -31.93 -4.73
C ASN A 189 2.71 -31.89 -5.48
N PRO A 190 2.71 -31.32 -6.70
CA PRO A 190 3.90 -30.99 -7.47
C PRO A 190 4.23 -29.50 -7.48
N TYR A 191 3.37 -28.68 -6.86
CA TYR A 191 3.60 -27.25 -6.71
C TYR A 191 4.69 -27.03 -5.66
N SER A 192 5.67 -26.20 -6.00
CA SER A 192 6.82 -25.94 -5.17
C SER A 192 7.20 -24.49 -5.38
N PHE A 193 8.23 -24.03 -4.67
CA PHE A 193 8.75 -22.69 -4.94
C PHE A 193 9.31 -22.67 -6.35
N GLN A 194 9.82 -23.81 -6.80
CA GLN A 194 10.37 -23.92 -8.13
C GLN A 194 9.29 -23.86 -9.22
N SER A 195 8.09 -24.32 -8.90
CA SER A 195 6.99 -24.28 -9.87
C SER A 195 6.57 -22.82 -10.11
N ASP A 196 6.56 -22.03 -9.04
CA ASP A 196 6.32 -20.59 -9.16
C ASP A 196 7.45 -19.90 -9.92
N VAL A 197 8.68 -20.34 -9.69
CA VAL A 197 9.83 -19.80 -10.40
C VAL A 197 9.71 -20.04 -11.91
N TYR A 198 9.15 -21.18 -12.31
CA TYR A 198 8.90 -21.43 -13.73
C TYR A 198 7.87 -20.44 -14.26
N ALA A 199 6.74 -20.35 -13.56
CA ALA A 199 5.73 -19.36 -13.90
C ALA A 199 6.36 -17.99 -14.08
N PHE A 200 7.31 -17.65 -13.20
CA PHE A 200 8.00 -16.37 -13.27
C PHE A 200 8.79 -16.27 -14.58
N GLY A 201 9.43 -17.37 -14.97
CA GLY A 201 10.16 -17.43 -16.22
C GLY A 201 9.27 -17.09 -17.40
N ILE A 202 8.09 -17.70 -17.44
CA ILE A 202 7.14 -17.44 -18.52
C ILE A 202 6.74 -15.96 -18.51
N VAL A 203 6.61 -15.36 -17.31
CA VAL A 203 6.33 -13.93 -17.22
C VAL A 203 7.49 -13.11 -17.79
N LEU A 204 8.73 -13.50 -17.50
CA LEU A 204 9.89 -12.81 -18.05
C LEU A 204 9.91 -12.89 -19.58
N TYR A 205 9.46 -14.02 -20.11
CA TYR A 205 9.33 -14.21 -21.55
C TYR A 205 8.34 -13.20 -22.12
N GLU A 206 7.16 -13.13 -21.51
CA GLU A 206 6.16 -12.16 -21.90
C GLU A 206 6.71 -10.74 -21.90
N LEU A 207 7.44 -10.38 -20.84
CA LEU A 207 8.00 -9.04 -20.71
C LEU A 207 9.01 -8.74 -21.82
N MET A 208 9.91 -9.69 -22.10
CA MET A 208 10.98 -9.43 -23.07
C MET A 208 10.57 -9.63 -24.53
N THR A 209 9.69 -10.59 -24.79
CA THR A 209 9.20 -10.83 -26.15
C THR A 209 7.96 -10.00 -26.46
N GLY A 210 7.21 -9.65 -25.42
CA GLY A 210 5.97 -8.91 -25.60
C GLY A 210 4.79 -9.78 -25.98
N GLN A 211 5.05 -11.07 -26.23
CA GLN A 211 4.02 -12.02 -26.64
C GLN A 211 3.90 -13.17 -25.63
N LEU A 212 2.84 -13.97 -25.80
CA LEU A 212 2.66 -15.22 -25.06
C LEU A 212 3.47 -16.31 -25.77
N PRO A 213 3.84 -17.40 -25.06
CA PRO A 213 4.62 -18.44 -25.71
C PRO A 213 3.76 -19.35 -26.57
N TYR A 214 4.43 -20.14 -27.42
CA TYR A 214 3.78 -21.14 -28.27
C TYR A 214 2.63 -20.54 -29.08
N SER A 215 2.86 -19.34 -29.60
CA SER A 215 1.85 -18.63 -30.40
C SER A 215 1.70 -19.23 -31.80
N ASN A 216 2.65 -20.07 -32.20
CA ASN A 216 2.59 -20.77 -33.48
C ASN A 216 1.86 -22.11 -33.41
N ILE A 217 1.22 -22.41 -32.28
CA ILE A 217 0.49 -23.66 -32.06
C ILE A 217 -0.91 -23.37 -31.57
N ASN A 218 -1.91 -23.98 -32.19
CA ASN A 218 -3.32 -23.72 -31.84
C ASN A 218 -4.00 -24.78 -30.99
N ASN A 219 -3.27 -25.82 -30.60
CA ASN A 219 -3.86 -27.00 -29.96
C ASN A 219 -3.37 -27.19 -28.53
N ARG A 220 -4.30 -27.10 -27.58
CA ARG A 220 -3.97 -27.13 -26.15
C ARG A 220 -3.47 -28.49 -25.67
N ASP A 221 -4.12 -29.56 -26.11
CA ASP A 221 -3.70 -30.90 -25.75
C ASP A 221 -2.25 -31.14 -26.15
N GLN A 222 -1.91 -30.73 -27.37
CA GLN A 222 -0.56 -30.93 -27.87
C GLN A 222 0.45 -30.14 -27.06
N ILE A 223 0.11 -28.91 -26.70
CA ILE A 223 1.01 -28.11 -25.87
C ILE A 223 1.26 -28.79 -24.53
N ILE A 224 0.18 -29.31 -23.95
CA ILE A 224 0.26 -30.00 -22.66
C ILE A 224 1.17 -31.22 -22.79
N PHE A 225 0.86 -32.09 -23.74
CA PHE A 225 1.67 -33.26 -24.04
C PHE A 225 3.12 -32.90 -24.30
N MET A 226 3.33 -31.85 -25.07
CA MET A 226 4.66 -31.52 -25.58
C MET A 226 5.54 -30.89 -24.49
N VAL A 227 5.02 -29.90 -23.78
CA VAL A 227 5.73 -29.33 -22.64
C VAL A 227 5.97 -30.42 -21.59
N GLY A 228 4.95 -31.23 -21.35
CA GLY A 228 5.04 -32.35 -20.42
C GLY A 228 6.20 -33.27 -20.73
N ARG A 229 6.30 -33.70 -21.99
CA ARG A 229 7.37 -34.60 -22.43
C ARG A 229 8.72 -33.90 -22.64
N GLY A 230 8.72 -32.58 -22.64
CA GLY A 230 9.95 -31.80 -22.77
C GLY A 230 10.37 -31.57 -24.21
N TYR A 231 9.44 -31.73 -25.14
CA TYR A 231 9.71 -31.53 -26.54
C TYR A 231 9.54 -30.06 -26.92
N LEU A 232 8.86 -29.28 -26.07
CA LEU A 232 8.53 -27.88 -26.34
C LEU A 232 9.00 -26.98 -25.21
N SER A 233 9.59 -25.84 -25.56
CA SER A 233 9.93 -24.81 -24.57
C SER A 233 9.98 -23.47 -25.28
N PRO A 234 9.74 -22.37 -24.54
CA PRO A 234 9.57 -21.08 -25.21
C PRO A 234 10.77 -20.67 -26.05
N ASP A 235 10.48 -19.95 -27.13
CA ASP A 235 11.47 -19.55 -28.13
C ASP A 235 12.18 -18.27 -27.71
N LEU A 236 13.34 -18.43 -27.09
CA LEU A 236 14.10 -17.31 -26.54
C LEU A 236 14.76 -16.45 -27.64
N SER A 237 14.67 -16.89 -28.90
CA SER A 237 15.14 -16.09 -30.03
C SER A 237 14.29 -14.82 -30.26
N LYS A 238 13.09 -14.80 -29.69
CA LYS A 238 12.14 -13.70 -29.89
C LYS A 238 12.31 -12.54 -28.92
N VAL A 239 13.31 -12.62 -28.03
CA VAL A 239 13.49 -11.55 -27.03
C VAL A 239 14.00 -10.27 -27.70
N ARG A 240 13.48 -9.14 -27.22
CA ARG A 240 13.88 -7.82 -27.74
C ARG A 240 15.40 -7.75 -27.91
N SER A 241 15.84 -7.03 -28.95
CA SER A 241 17.27 -6.97 -29.28
C SER A 241 18.09 -6.35 -28.16
N ASN A 242 17.53 -5.33 -27.51
CA ASN A 242 18.21 -4.63 -26.40
C ASN A 242 17.95 -5.25 -25.02
N CYS A 243 17.47 -6.49 -24.98
CA CYS A 243 17.37 -7.26 -23.74
C CYS A 243 18.78 -7.70 -23.34
N PRO A 244 19.18 -7.47 -22.07
CA PRO A 244 20.55 -7.80 -21.65
C PRO A 244 20.86 -9.29 -21.73
N LYS A 245 22.13 -9.61 -21.94
CA LYS A 245 22.56 -11.02 -21.94
C LYS A 245 22.26 -11.67 -20.59
N ALA A 246 22.47 -10.94 -19.51
CA ALA A 246 22.20 -11.46 -18.16
C ALA A 246 20.72 -11.82 -17.96
N MET A 247 19.83 -11.07 -18.61
CA MET A 247 18.38 -11.31 -18.49
C MET A 247 17.95 -12.53 -19.29
N LYS A 248 18.46 -12.67 -20.51
CA LYS A 248 18.18 -13.85 -21.32
C LYS A 248 18.64 -15.11 -20.58
N ARG A 249 19.77 -15.01 -19.88
CA ARG A 249 20.30 -16.15 -19.12
C ARG A 249 19.45 -16.47 -17.90
N LEU A 250 19.11 -15.45 -17.11
CA LEU A 250 18.20 -15.67 -15.98
C LEU A 250 16.91 -16.33 -16.43
N MET A 251 16.38 -15.86 -17.55
CA MET A 251 15.16 -16.39 -18.13
C MET A 251 15.30 -17.88 -18.39
N ALA A 252 16.42 -18.28 -18.98
CA ALA A 252 16.70 -19.69 -19.30
C ALA A 252 16.75 -20.55 -18.03
N GLU A 253 17.36 -20.00 -16.98
CA GLU A 253 17.50 -20.70 -15.71
C GLU A 253 16.14 -20.94 -15.05
N CYS A 254 15.26 -19.94 -15.11
CA CYS A 254 13.96 -20.03 -14.49
C CYS A 254 13.05 -20.99 -15.24
N LEU A 255 13.39 -21.32 -16.48
CA LEU A 255 12.56 -22.19 -17.32
C LEU A 255 13.13 -23.60 -17.46
N LYS A 256 14.19 -23.91 -16.73
CA LYS A 256 14.79 -25.24 -16.80
C LYS A 256 13.74 -26.32 -16.55
N LYS A 257 13.64 -27.27 -17.47
CA LYS A 257 12.65 -28.34 -17.39
C LYS A 257 12.81 -29.14 -16.09
N LYS A 258 14.06 -29.38 -15.70
CA LYS A 258 14.36 -30.07 -14.45
C LYS A 258 14.17 -29.11 -13.28
N ARG A 259 13.38 -29.55 -12.29
CA ARG A 259 12.92 -28.69 -11.20
C ARG A 259 14.07 -28.17 -10.33
N ASP A 260 14.96 -29.05 -9.93
CA ASP A 260 16.03 -28.73 -8.97
C ASP A 260 17.06 -27.73 -9.52
N GLU A 261 17.12 -27.58 -10.84
CA GLU A 261 18.06 -26.65 -11.48
C GLU A 261 17.61 -25.19 -11.38
N ARG A 262 16.32 -24.97 -11.14
CA ARG A 262 15.77 -23.62 -11.15
C ARG A 262 16.21 -22.87 -9.88
N PRO A 263 16.58 -21.59 -10.01
CA PRO A 263 16.93 -20.79 -8.83
C PRO A 263 15.71 -20.38 -8.02
N LEU A 264 15.93 -20.09 -6.74
CA LEU A 264 14.89 -19.50 -5.89
C LEU A 264 14.97 -17.98 -5.96
N PHE A 265 13.96 -17.32 -5.40
CA PHE A 265 13.80 -15.88 -5.60
C PHE A 265 14.85 -14.96 -4.96
N PRO A 266 15.52 -15.41 -3.89
CA PRO A 266 16.65 -14.62 -3.41
C PRO A 266 17.76 -14.44 -4.45
N GLN A 267 18.07 -15.51 -5.18
CA GLN A 267 19.07 -15.44 -6.24
C GLN A 267 18.58 -14.56 -7.39
N ILE A 268 17.31 -14.72 -7.74
CA ILE A 268 16.74 -14.03 -8.88
C ILE A 268 16.84 -12.53 -8.63
N LEU A 269 16.32 -12.07 -7.49
CA LEU A 269 16.50 -10.68 -7.08
C LEU A 269 17.97 -10.26 -7.17
N ALA A 270 18.86 -11.06 -6.58
CA ALA A 270 20.29 -10.80 -6.66
C ALA A 270 20.75 -10.57 -8.10
N SER A 271 20.25 -11.39 -9.02
CA SER A 271 20.56 -11.26 -10.44
C SER A 271 19.93 -10.01 -11.02
N ILE A 272 18.61 -9.88 -10.92
CA ILE A 272 17.89 -8.75 -11.51
C ILE A 272 18.50 -7.44 -11.05
N GLU A 273 18.72 -7.31 -9.74
CA GLU A 273 19.28 -6.08 -9.18
C GLU A 273 20.65 -5.76 -9.77
N LEU A 274 21.52 -6.76 -9.88
CA LEU A 274 22.87 -6.56 -10.48
C LEU A 274 22.77 -6.16 -11.94
N LEU A 275 21.76 -6.70 -12.63
CA LEU A 275 21.50 -6.39 -14.02
C LEU A 275 21.15 -4.91 -14.21
N ALA A 276 20.25 -4.41 -13.37
CA ALA A 276 19.83 -3.00 -13.40
C ALA A 276 20.96 -2.02 -13.05
N ARG A 277 21.92 -2.46 -12.24
CA ARG A 277 23.04 -1.61 -11.80
C ARG A 277 23.92 -1.14 -12.96
N SER A 278 24.28 -2.07 -13.85
CA SER A 278 25.04 -1.73 -15.06
C SER A 278 24.07 -1.43 -16.21
N LEU A 279 23.31 -0.35 -16.07
CA LEU A 279 22.29 0.03 -17.06
C LEU A 279 21.83 1.47 -16.84
N ASP B 6 -0.88 -16.06 13.63
CA ASP B 6 -1.25 -14.62 13.52
C ASP B 6 -0.03 -13.74 13.81
N ASP B 7 1.14 -14.14 13.28
CA ASP B 7 2.42 -13.59 13.74
C ASP B 7 3.11 -12.60 12.80
N TRP B 8 3.75 -11.57 13.39
CA TRP B 8 4.45 -10.54 12.64
C TRP B 8 5.88 -10.28 13.13
N GLU B 9 6.41 -11.20 13.93
CA GLU B 9 7.80 -11.07 14.34
C GLU B 9 8.71 -11.38 13.16
N ILE B 10 9.71 -10.54 12.98
CA ILE B 10 10.74 -10.76 11.96
C ILE B 10 11.96 -11.34 12.69
N PRO B 11 12.38 -12.57 12.32
CA PRO B 11 13.54 -13.18 12.98
C PRO B 11 14.84 -12.38 12.83
N ASP B 12 15.76 -12.58 13.76
CA ASP B 12 16.99 -11.79 13.80
C ASP B 12 17.88 -12.04 12.60
N GLY B 13 18.66 -11.04 12.22
CA GLY B 13 19.63 -11.17 11.15
C GLY B 13 19.10 -10.84 9.78
N GLN B 14 17.78 -10.73 9.64
CA GLN B 14 17.15 -10.51 8.33
C GLN B 14 17.10 -9.03 7.93
N ILE B 15 16.87 -8.13 8.88
CA ILE B 15 16.78 -6.71 8.59
C ILE B 15 18.19 -6.13 8.47
N THR B 16 18.51 -5.54 7.32
CA THR B 16 19.78 -4.84 7.13
C THR B 16 19.52 -3.35 7.32
N VAL B 17 20.10 -2.78 8.36
CA VAL B 17 19.92 -1.36 8.67
C VAL B 17 20.95 -0.58 7.87
N GLY B 18 20.51 0.50 7.22
CA GLY B 18 21.35 1.24 6.29
C GLY B 18 21.56 2.69 6.66
N GLN B 19 21.11 3.59 5.79
CA GLN B 19 21.14 5.04 6.05
C GLN B 19 20.44 5.36 7.37
N ARG B 20 20.51 6.62 7.77
CA ARG B 20 19.91 7.04 9.03
C ARG B 20 19.17 8.35 8.81
N ILE B 21 17.88 8.36 9.15
CA ILE B 21 16.98 9.40 8.68
C ILE B 21 16.73 10.48 9.72
N GLY B 22 16.55 10.09 10.98
CA GLY B 22 16.40 11.08 12.05
C GLY B 22 16.05 10.54 13.42
N SER B 23 14.79 10.72 13.81
CA SER B 23 14.29 10.34 15.13
C SER B 23 12.77 10.23 15.08
N GLY B 24 12.22 9.12 15.54
CA GLY B 24 10.78 8.88 15.49
C GLY B 24 10.04 9.39 16.73
N SER B 25 8.88 8.78 16.98
CA SER B 25 8.12 8.99 18.21
C SER B 25 9.04 8.78 19.42
N PHE B 26 9.70 7.62 19.46
CA PHE B 26 10.59 7.25 20.58
C PHE B 26 12.08 7.08 20.19
N GLY B 27 12.34 6.44 19.05
CA GLY B 27 13.66 5.90 18.76
C GLY B 27 14.42 6.64 17.69
N THR B 28 14.98 5.87 16.75
CA THR B 28 15.75 6.42 15.63
C THR B 28 15.35 5.66 14.37
N VAL B 29 14.97 6.41 13.32
CA VAL B 29 14.51 5.79 12.07
C VAL B 29 15.66 5.67 11.08
N TYR B 30 15.79 4.48 10.48
CA TYR B 30 16.77 4.19 9.45
C TYR B 30 16.09 3.74 8.17
N LYS B 31 16.76 3.93 7.03
CA LYS B 31 16.36 3.27 5.78
C LYS B 31 17.00 1.91 5.76
N GLY B 32 16.23 0.89 5.43
CA GLY B 32 16.71 -0.49 5.53
C GLY B 32 16.34 -1.37 4.37
N LYS B 33 16.61 -2.66 4.53
CA LYS B 33 16.33 -3.67 3.52
C LYS B 33 15.73 -4.91 4.17
N TRP B 34 14.47 -5.18 3.84
CA TRP B 34 13.82 -6.41 4.27
C TRP B 34 12.69 -6.71 3.30
N HIS B 35 12.94 -7.66 2.41
CA HIS B 35 12.07 -7.90 1.26
C HIS B 35 11.81 -6.57 0.56
N GLY B 36 12.90 -5.90 0.20
CA GLY B 36 12.84 -4.60 -0.46
C GLY B 36 13.10 -3.47 0.53
N ASP B 37 13.02 -2.23 0.03
CA ASP B 37 13.25 -1.05 0.85
C ASP B 37 12.21 -0.96 1.95
N VAL B 38 12.67 -0.84 3.19
CA VAL B 38 11.78 -0.70 4.34
C VAL B 38 12.24 0.42 5.26
N ALA B 39 11.30 0.98 6.03
CA ALA B 39 11.62 1.95 7.07
C ALA B 39 11.72 1.23 8.42
N VAL B 40 12.80 1.49 9.16
CA VAL B 40 13.06 0.82 10.44
C VAL B 40 13.23 1.81 11.58
N LYS B 41 12.26 1.83 12.49
CA LYS B 41 12.36 2.58 13.72
C LYS B 41 12.87 1.59 14.75
N MET B 42 13.95 1.92 15.45
CA MET B 42 14.45 1.03 16.50
C MET B 42 15.05 1.76 17.71
N LEU B 43 14.74 1.25 18.91
CA LEU B 43 15.31 1.80 20.14
C LEU B 43 16.77 1.40 20.29
N ASN B 44 17.66 2.34 20.02
CA ASN B 44 19.09 2.09 20.07
C ASN B 44 19.61 2.06 21.51
N VAL B 45 19.27 1.00 22.25
CA VAL B 45 19.64 0.89 23.68
C VAL B 45 20.10 -0.52 24.06
N THR B 46 20.78 -0.63 25.20
CA THR B 46 21.20 -1.92 25.74
C THR B 46 19.98 -2.69 26.26
N ALA B 47 19.26 -2.06 27.19
CA ALA B 47 18.07 -2.65 27.80
C ALA B 47 16.91 -1.66 27.74
N PRO B 48 15.76 -2.07 27.16
CA PRO B 48 14.58 -1.21 27.24
C PRO B 48 14.09 -1.03 28.67
N THR B 49 13.63 0.18 28.98
CA THR B 49 12.95 0.42 30.26
C THR B 49 11.52 -0.12 30.09
N PRO B 50 10.85 -0.47 31.21
CA PRO B 50 9.48 -0.98 31.13
C PRO B 50 8.50 -0.03 30.42
N GLN B 51 8.74 1.27 30.52
CA GLN B 51 7.93 2.30 29.86
C GLN B 51 8.22 2.34 28.35
N GLN B 52 9.50 2.34 28.00
CA GLN B 52 9.93 2.26 26.60
C GLN B 52 9.34 1.04 25.89
N LEU B 53 9.42 -0.11 26.55
CA LEU B 53 8.87 -1.35 26.02
C LEU B 53 7.35 -1.28 25.90
N GLN B 54 6.72 -0.48 26.76
CA GLN B 54 5.28 -0.22 26.63
C GLN B 54 4.97 0.58 25.40
N ALA B 55 5.73 1.65 25.15
CA ALA B 55 5.58 2.45 23.94
C ALA B 55 5.61 1.54 22.71
N PHE B 56 6.65 0.72 22.64
CA PHE B 56 6.82 -0.24 21.56
C PHE B 56 5.56 -1.09 21.37
N LYS B 57 5.14 -1.75 22.45
CA LYS B 57 3.93 -2.58 22.41
C LYS B 57 2.69 -1.79 21.96
N ASN B 58 2.54 -0.56 22.46
CA ASN B 58 1.40 0.30 22.07
C ASN B 58 1.39 0.62 20.58
N GLU B 59 2.56 0.93 20.02
CA GLU B 59 2.68 1.33 18.62
C GLU B 59 2.46 0.14 17.68
N VAL B 60 3.09 -0.99 17.97
CA VAL B 60 2.87 -2.21 17.19
C VAL B 60 1.39 -2.56 17.25
N GLY B 61 0.81 -2.43 18.44
CA GLY B 61 -0.63 -2.68 18.65
C GLY B 61 -1.54 -1.80 17.81
N VAL B 62 -1.10 -0.57 17.54
CA VAL B 62 -1.90 0.38 16.77
C VAL B 62 -1.76 0.14 15.26
N LEU B 63 -0.53 -0.11 14.82
CA LEU B 63 -0.25 -0.30 13.41
C LEU B 63 -0.83 -1.61 12.87
N ARG B 64 -0.76 -2.67 13.67
CA ARG B 64 -1.32 -3.96 13.27
C ARG B 64 -2.86 -3.97 13.12
N LYS B 65 -3.55 -2.94 13.62
CA LYS B 65 -4.98 -2.79 13.40
C LYS B 65 -5.31 -2.16 12.02
N THR B 66 -4.32 -1.53 11.39
CA THR B 66 -4.54 -0.76 10.15
C THR B 66 -4.18 -1.53 8.88
N ARG B 67 -5.07 -1.49 7.89
CA ARG B 67 -4.80 -1.98 6.54
C ARG B 67 -5.51 -1.08 5.52
N HIS B 68 -4.84 -0.03 5.10
CA HIS B 68 -5.45 1.00 4.28
C HIS B 68 -4.40 1.68 3.43
N VAL B 69 -4.74 1.92 2.17
CA VAL B 69 -3.78 2.46 1.19
C VAL B 69 -3.13 3.78 1.66
N ASN B 70 -3.87 4.56 2.44
CA ASN B 70 -3.45 5.88 2.89
C ASN B 70 -2.87 5.91 4.30
N ILE B 71 -2.70 4.74 4.90
CA ILE B 71 -2.00 4.63 6.17
C ILE B 71 -0.69 3.88 5.96
N LEU B 72 0.38 4.38 6.58
CA LEU B 72 1.70 3.79 6.43
C LEU B 72 1.63 2.26 6.63
N LEU B 73 2.11 1.53 5.63
CA LEU B 73 2.06 0.08 5.69
C LEU B 73 3.05 -0.45 6.73
N PHE B 74 2.49 -1.04 7.77
CA PHE B 74 3.25 -1.77 8.76
C PHE B 74 3.48 -3.17 8.19
N MET B 75 4.72 -3.65 8.30
CA MET B 75 5.14 -4.93 7.71
C MET B 75 5.55 -5.98 8.74
N GLY B 76 6.06 -5.52 9.89
CA GLY B 76 6.48 -6.42 10.96
C GLY B 76 7.33 -5.71 11.99
N TYR B 77 7.70 -6.43 13.04
CA TYR B 77 8.57 -5.91 14.10
C TYR B 77 9.66 -6.90 14.47
N SER B 78 10.63 -6.43 15.26
CA SER B 78 11.67 -7.30 15.80
C SER B 78 11.98 -6.87 17.23
N THR B 79 12.30 -7.83 18.08
CA THR B 79 12.71 -7.58 19.46
C THR B 79 14.04 -8.26 19.81
N LYS B 80 14.70 -8.86 18.82
CA LYS B 80 15.74 -9.85 19.06
C LYS B 80 17.07 -9.25 19.53
N PRO B 81 17.61 -8.26 18.80
CA PRO B 81 18.69 -7.43 19.39
C PRO B 81 18.16 -6.11 19.96
N GLN B 82 17.39 -5.37 19.16
CA GLN B 82 16.74 -4.14 19.59
C GLN B 82 15.23 -4.29 19.44
N LEU B 83 14.48 -3.41 20.09
CA LEU B 83 13.09 -3.21 19.73
C LEU B 83 13.11 -2.48 18.40
N ALA B 84 12.24 -2.88 17.47
CA ALA B 84 12.21 -2.29 16.12
C ALA B 84 10.90 -2.51 15.37
N ILE B 85 10.29 -1.41 14.92
CA ILE B 85 9.14 -1.45 14.01
C ILE B 85 9.60 -1.26 12.56
N VAL B 86 9.15 -2.16 11.69
CA VAL B 86 9.43 -2.06 10.27
C VAL B 86 8.16 -1.71 9.49
N THR B 87 8.19 -0.58 8.79
CA THR B 87 7.10 -0.15 7.90
C THR B 87 7.61 -0.09 6.47
N GLN B 88 6.70 0.15 5.53
CA GLN B 88 7.10 0.40 4.16
C GLN B 88 7.95 1.67 4.11
N TRP B 89 8.76 1.80 3.06
CA TRP B 89 9.60 2.97 2.84
C TRP B 89 8.87 3.91 1.89
N CYS B 90 8.78 5.19 2.25
CA CYS B 90 8.07 6.17 1.42
C CYS B 90 9.07 6.91 0.52
N GLU B 91 8.74 7.06 -0.76
CA GLU B 91 9.56 7.80 -1.73
C GLU B 91 8.92 9.17 -1.98
N GLY B 92 9.74 10.22 -1.98
CA GLY B 92 9.25 11.58 -2.23
C GLY B 92 9.50 12.50 -1.05
N SER B 93 8.47 13.17 -0.58
CA SER B 93 8.58 13.98 0.64
C SER B 93 7.21 14.33 1.20
N SER B 94 7.22 14.87 2.42
CA SER B 94 6.01 15.23 3.12
C SER B 94 5.34 16.44 2.51
N LEU B 95 4.06 16.61 2.84
CA LEU B 95 3.28 17.75 2.38
C LEU B 95 3.91 19.05 2.86
N TYR B 96 4.35 19.05 4.12
CA TYR B 96 5.03 20.20 4.72
C TYR B 96 6.18 20.67 3.82
N HIS B 97 7.04 19.74 3.44
CA HIS B 97 8.17 20.02 2.58
C HIS B 97 7.72 20.60 1.25
N HIS B 98 6.70 19.98 0.64
CA HIS B 98 6.15 20.45 -0.62
C HIS B 98 5.60 21.86 -0.50
N LEU B 99 4.75 22.09 0.49
CA LEU B 99 4.03 23.36 0.58
C LEU B 99 4.88 24.52 1.07
N HIS B 100 5.78 24.26 2.03
CA HIS B 100 6.46 25.36 2.74
C HIS B 100 7.98 25.41 2.59
N ILE B 101 8.60 24.39 2.03
CA ILE B 101 10.05 24.39 1.86
C ILE B 101 10.42 24.59 0.38
N ILE B 102 10.03 23.66 -0.48
CA ILE B 102 10.28 23.81 -1.92
C ILE B 102 9.20 24.61 -2.64
N GLU B 103 8.11 24.94 -1.94
CA GLU B 103 7.02 25.76 -2.50
C GLU B 103 6.42 25.11 -3.75
N THR B 104 6.18 23.79 -3.71
CA THR B 104 5.58 23.08 -4.83
C THR B 104 4.25 23.74 -5.23
N LYS B 105 3.91 23.58 -6.50
CA LYS B 105 2.90 24.40 -7.16
C LYS B 105 1.76 23.52 -7.66
N PHE B 106 0.99 22.94 -6.74
CA PHE B 106 -0.08 22.02 -7.09
C PHE B 106 -1.26 22.72 -7.77
N GLU B 107 -1.88 22.04 -8.73
CA GLU B 107 -3.15 22.47 -9.30
C GLU B 107 -4.27 22.12 -8.32
N MET B 108 -5.33 22.92 -8.31
CA MET B 108 -6.41 22.75 -7.32
C MET B 108 -7.00 21.33 -7.38
N ILE B 109 -7.07 20.76 -8.58
CA ILE B 109 -7.55 19.39 -8.76
C ILE B 109 -6.75 18.41 -7.89
N LYS B 110 -5.45 18.68 -7.73
CA LYS B 110 -4.61 17.83 -6.87
C LYS B 110 -4.70 18.23 -5.40
N LEU B 111 -4.63 19.53 -5.11
CA LEU B 111 -4.80 19.99 -3.74
C LEU B 111 -6.03 19.33 -3.10
N ILE B 112 -7.12 19.29 -3.85
CA ILE B 112 -8.35 18.63 -3.38
C ILE B 112 -8.16 17.11 -3.22
N ASP B 113 -7.37 16.52 -4.11
CA ASP B 113 -7.09 15.09 -4.04
C ASP B 113 -6.29 14.76 -2.79
N ILE B 114 -5.20 15.47 -2.55
CA ILE B 114 -4.43 15.28 -1.31
C ILE B 114 -5.35 15.42 -0.10
N ALA B 115 -6.28 16.37 -0.17
CA ALA B 115 -7.28 16.55 0.89
C ALA B 115 -8.14 15.31 1.00
N ARG B 116 -8.67 14.84 -0.12
CA ARG B 116 -9.58 13.70 -0.16
C ARG B 116 -8.97 12.46 0.47
N GLN B 117 -7.71 12.21 0.11
CA GLN B 117 -7.01 11.02 0.55
C GLN B 117 -6.74 11.07 2.03
N THR B 118 -6.25 12.20 2.51
CA THR B 118 -6.04 12.40 3.94
C THR B 118 -7.34 12.15 4.70
N ALA B 119 -8.43 12.71 4.18
CA ALA B 119 -9.76 12.48 4.72
C ALA B 119 -10.13 11.00 4.76
N GLN B 120 -9.77 10.25 3.72
CA GLN B 120 -10.01 8.81 3.70
C GLN B 120 -9.29 8.12 4.85
N GLY B 121 -8.00 8.39 4.97
CA GLY B 121 -7.18 7.77 6.02
C GLY B 121 -7.62 8.11 7.44
N MET B 122 -8.01 9.36 7.66
CA MET B 122 -8.45 9.76 8.98
C MET B 122 -9.80 9.13 9.30
N ASP B 123 -10.66 9.01 8.28
CA ASP B 123 -11.95 8.33 8.45
C ASP B 123 -11.71 6.90 8.91
N TYR B 124 -10.76 6.24 8.26
CA TYR B 124 -10.39 4.86 8.56
C TYR B 124 -9.90 4.72 10.01
N LEU B 125 -8.90 5.52 10.38
CA LEU B 125 -8.34 5.45 11.72
C LEU B 125 -9.44 5.60 12.76
N HIS B 126 -10.28 6.62 12.59
CA HIS B 126 -11.40 6.86 13.49
C HIS B 126 -12.38 5.69 13.56
N ALA B 127 -12.63 5.04 12.41
CA ALA B 127 -13.45 3.83 12.36
C ALA B 127 -12.92 2.75 13.29
N LYS B 128 -11.60 2.62 13.37
CA LYS B 128 -10.96 1.62 14.24
C LYS B 128 -10.61 2.18 15.63
N SER B 129 -11.31 3.23 16.05
CA SER B 129 -11.09 3.87 17.34
C SER B 129 -9.64 4.30 17.57
N ILE B 130 -9.04 4.93 16.56
CA ILE B 130 -7.69 5.49 16.69
C ILE B 130 -7.77 7.00 16.56
N ILE B 131 -7.31 7.70 17.59
CA ILE B 131 -7.14 9.14 17.51
C ILE B 131 -5.67 9.38 17.26
N HIS B 132 -5.38 10.08 16.17
CA HIS B 132 -4.01 10.33 15.75
C HIS B 132 -3.25 11.17 16.77
N ARG B 133 -3.84 12.31 17.13
CA ARG B 133 -3.32 13.21 18.17
C ARG B 133 -2.22 14.17 17.70
N ASP B 134 -1.61 13.92 16.56
CA ASP B 134 -0.62 14.85 16.04
C ASP B 134 -0.67 14.92 14.52
N LEU B 135 -1.88 15.01 13.98
CA LEU B 135 -2.00 15.16 12.54
C LEU B 135 -1.42 16.52 12.19
N LYS B 136 -0.56 16.54 11.18
CA LYS B 136 -0.02 17.77 10.63
C LYS B 136 0.62 17.45 9.29
N SER B 137 0.90 18.49 8.50
CA SER B 137 1.34 18.32 7.11
C SER B 137 2.63 17.51 6.94
N ASN B 138 3.52 17.58 7.92
CA ASN B 138 4.76 16.78 7.87
C ASN B 138 4.57 15.33 8.29
N ASN B 139 3.34 14.98 8.68
CA ASN B 139 2.95 13.59 8.92
C ASN B 139 2.11 13.07 7.75
N ILE B 140 2.11 13.79 6.63
CA ILE B 140 1.42 13.35 5.43
C ILE B 140 2.45 13.20 4.32
N PHE B 141 2.88 11.97 4.08
CA PHE B 141 3.85 11.71 3.06
C PHE B 141 3.13 11.59 1.73
N LEU B 142 3.63 12.29 0.72
CA LEU B 142 3.00 12.30 -0.58
C LEU B 142 3.77 11.30 -1.45
N HIS B 143 3.47 10.02 -1.22
CA HIS B 143 4.20 8.90 -1.81
C HIS B 143 4.16 8.91 -3.33
N GLU B 144 5.32 8.74 -3.95
CA GLU B 144 5.45 8.76 -5.41
C GLU B 144 4.89 10.05 -6.04
N ASP B 145 4.77 11.10 -5.22
CA ASP B 145 4.11 12.34 -5.59
C ASP B 145 2.60 12.20 -5.88
N LEU B 146 2.03 11.02 -5.63
CA LEU B 146 0.58 10.84 -5.81
C LEU B 146 0.04 9.68 -4.97
N THR B 147 -0.21 9.95 -3.70
CA THR B 147 -0.76 8.98 -2.73
C THR B 147 -0.36 9.41 -1.32
N VAL B 148 -1.33 9.96 -0.59
CA VAL B 148 -1.13 10.30 0.81
C VAL B 148 -0.88 9.05 1.64
N LYS B 149 0.16 9.10 2.47
CA LYS B 149 0.42 8.06 3.46
C LYS B 149 0.55 8.72 4.82
N ILE B 150 -0.46 8.55 5.67
CA ILE B 150 -0.48 9.18 6.99
C ILE B 150 0.40 8.38 7.95
N GLY B 151 1.38 9.06 8.55
CA GLY B 151 2.29 8.42 9.50
C GLY B 151 2.36 9.18 10.80
N ASP B 152 3.24 8.74 11.70
CA ASP B 152 3.57 9.52 12.89
C ASP B 152 5.09 9.61 12.98
N PHE B 153 5.66 10.54 12.21
CA PHE B 153 7.11 10.57 11.97
C PHE B 153 7.91 11.33 13.02
N GLY B 154 7.34 12.41 13.57
CA GLY B 154 8.05 13.26 14.54
C GLY B 154 9.19 14.07 13.91
N LEU B 155 10.32 13.40 13.63
CA LEU B 155 11.49 14.02 13.00
C LEU B 155 12.14 13.15 11.89
N ALA B 156 11.42 12.14 11.40
CA ALA B 156 11.81 11.39 10.20
C ALA B 156 11.69 12.33 8.99
N THR B 157 10.59 13.09 8.93
CA THR B 157 10.44 14.20 7.99
C THR B 157 10.74 15.55 8.69
N VAL B 158 10.92 16.60 7.88
CA VAL B 158 11.28 17.95 8.39
C VAL B 158 10.28 18.50 9.44
N LYS B 159 10.81 19.24 10.42
CA LYS B 159 10.01 19.69 11.59
C LYS B 159 9.32 21.06 11.41
N SER B 160 8.17 21.22 12.09
CA SER B 160 7.34 22.43 11.97
C SER B 160 7.96 23.65 12.67
N ARG B 161 7.35 24.82 12.42
CA ARG B 161 7.89 26.12 12.82
C ARG B 161 8.35 26.23 14.29
N TRP B 162 7.47 25.77 15.18
CA TRP B 162 7.61 26.00 16.62
C TRP B 162 7.67 24.68 17.43
N GLY B 173 6.31 21.02 21.61
CA GLY B 173 5.44 20.31 20.68
C GLY B 173 5.16 21.08 19.40
N SER B 174 4.03 20.78 18.76
CA SER B 174 3.69 21.30 17.44
C SER B 174 2.36 22.09 17.46
N ILE B 175 2.49 23.40 17.58
CA ILE B 175 1.40 24.29 17.99
C ILE B 175 0.31 24.54 16.94
N LEU B 176 0.70 24.66 15.68
CA LEU B 176 -0.19 25.24 14.69
C LEU B 176 -1.42 24.40 14.36
N TRP B 177 -1.41 23.12 14.71
CA TRP B 177 -2.53 22.23 14.40
C TRP B 177 -3.40 21.89 15.62
N MET B 178 -3.03 22.41 16.79
CA MET B 178 -3.76 22.11 18.01
C MET B 178 -5.04 22.93 18.14
N ALA B 179 -6.16 22.23 18.23
CA ALA B 179 -7.44 22.85 18.52
C ALA B 179 -7.39 23.54 19.88
N PRO B 180 -8.12 24.65 20.03
CA PRO B 180 -8.09 25.48 21.24
C PRO B 180 -8.15 24.69 22.53
N GLU B 181 -9.01 23.69 22.62
CA GLU B 181 -9.16 22.91 23.86
C GLU B 181 -7.91 22.07 24.14
N VAL B 182 -7.24 21.62 23.07
CA VAL B 182 -5.98 20.89 23.20
C VAL B 182 -4.90 21.81 23.75
N ILE B 183 -4.83 23.04 23.24
CA ILE B 183 -3.88 24.05 23.71
C ILE B 183 -4.02 24.33 25.20
N ARG B 184 -5.23 24.65 25.62
CA ARG B 184 -5.51 25.00 27.02
C ARG B 184 -5.10 23.90 28.01
N MET B 185 -5.42 22.65 27.67
CA MET B 185 -5.10 21.51 28.51
C MET B 185 -5.89 21.57 29.84
N GLN B 186 -7.21 21.73 29.75
CA GLN B 186 -8.06 21.65 30.94
C GLN B 186 -8.11 20.21 31.41
N ASP B 187 -8.51 19.31 30.53
CA ASP B 187 -8.64 17.91 30.88
C ASP B 187 -7.30 17.18 30.86
N LYS B 188 -7.21 16.10 31.62
CA LYS B 188 -6.11 15.13 31.50
C LYS B 188 -6.06 14.58 30.05
N ASN B 189 -7.22 14.47 29.39
CA ASN B 189 -7.31 14.10 27.98
C ASN B 189 -8.27 15.00 27.18
N PRO B 190 -7.73 15.97 26.43
CA PRO B 190 -8.52 16.84 25.56
C PRO B 190 -8.62 16.34 24.12
N TYR B 191 -7.93 15.23 23.83
CA TYR B 191 -7.87 14.71 22.47
C TYR B 191 -9.12 13.90 22.17
N SER B 192 -9.57 14.00 20.92
CA SER B 192 -10.85 13.45 20.51
C SER B 192 -10.87 13.43 19.00
N PHE B 193 -11.75 12.61 18.42
CA PHE B 193 -11.96 12.65 16.96
C PHE B 193 -12.01 14.09 16.44
N GLN B 194 -12.60 14.98 17.23
CA GLN B 194 -12.74 16.39 16.85
C GLN B 194 -11.46 17.20 17.00
N SER B 195 -10.59 16.83 17.93
CA SER B 195 -9.29 17.47 18.01
C SER B 195 -8.51 17.20 16.71
N ASP B 196 -8.65 15.97 16.21
CA ASP B 196 -8.06 15.57 14.93
C ASP B 196 -8.67 16.37 13.79
N VAL B 197 -9.98 16.54 13.79
CA VAL B 197 -10.66 17.30 12.74
C VAL B 197 -10.16 18.74 12.63
N TYR B 198 -9.91 19.38 13.77
CA TYR B 198 -9.30 20.71 13.77
C TYR B 198 -7.91 20.66 13.10
N ALA B 199 -7.11 19.67 13.46
CA ALA B 199 -5.80 19.47 12.84
C ALA B 199 -5.97 19.39 11.33
N PHE B 200 -6.87 18.53 10.88
CA PHE B 200 -7.20 18.40 9.46
C PHE B 200 -7.59 19.74 8.84
N GLY B 201 -8.35 20.53 9.60
CA GLY B 201 -8.74 21.89 9.20
C GLY B 201 -7.56 22.78 8.89
N ILE B 202 -6.50 22.67 9.68
CA ILE B 202 -5.29 23.44 9.42
C ILE B 202 -4.56 22.90 8.19
N VAL B 203 -4.55 21.58 8.03
CA VAL B 203 -3.96 20.98 6.83
C VAL B 203 -4.68 21.52 5.60
N LEU B 204 -6.00 21.62 5.69
CA LEU B 204 -6.80 22.19 4.61
C LEU B 204 -6.40 23.63 4.33
N TYR B 205 -6.14 24.38 5.41
CA TYR B 205 -5.73 25.76 5.28
C TYR B 205 -4.39 25.84 4.55
N GLU B 206 -3.44 25.01 4.95
CA GLU B 206 -2.15 24.93 4.28
C GLU B 206 -2.31 24.69 2.79
N LEU B 207 -3.09 23.68 2.43
CA LEU B 207 -3.30 23.31 1.03
C LEU B 207 -3.88 24.45 0.21
N MET B 208 -4.90 25.10 0.74
CA MET B 208 -5.61 26.13 0.00
C MET B 208 -4.90 27.49 -0.01
N THR B 209 -4.16 27.80 1.05
CA THR B 209 -3.42 29.05 1.12
C THR B 209 -1.97 28.89 0.68
N GLY B 210 -1.47 27.66 0.69
CA GLY B 210 -0.06 27.40 0.44
C GLY B 210 0.85 27.81 1.59
N GLN B 211 0.27 28.30 2.69
CA GLN B 211 1.02 28.89 3.79
C GLN B 211 0.64 28.27 5.12
N LEU B 212 1.44 28.56 6.14
CA LEU B 212 1.13 28.18 7.50
C LEU B 212 0.28 29.29 8.10
N PRO B 213 -0.52 28.98 9.12
CA PRO B 213 -1.33 30.01 9.75
C PRO B 213 -0.52 30.91 10.67
N TYR B 214 -0.99 32.13 10.87
CA TYR B 214 -0.42 33.07 11.84
C TYR B 214 0.99 33.54 11.46
N SER B 215 1.23 33.72 10.16
CA SER B 215 2.52 34.20 9.68
C SER B 215 2.90 35.55 10.27
N ASN B 216 1.89 36.36 10.61
CA ASN B 216 2.12 37.71 11.14
C ASN B 216 2.52 37.80 12.62
N ILE B 217 2.69 36.67 13.30
CA ILE B 217 3.11 36.66 14.71
C ILE B 217 4.41 35.87 14.91
N ASN B 218 5.41 36.53 15.48
CA ASN B 218 6.71 35.88 15.71
C ASN B 218 6.83 35.25 17.09
N ASN B 219 5.94 35.59 18.01
CA ASN B 219 6.01 35.09 19.38
C ASN B 219 5.17 33.82 19.55
N ARG B 220 5.82 32.75 20.00
CA ARG B 220 5.21 31.44 20.10
C ARG B 220 4.17 31.36 21.22
N ASP B 221 4.53 31.93 22.38
CA ASP B 221 3.64 31.92 23.54
C ASP B 221 2.34 32.64 23.25
N GLN B 222 2.45 33.80 22.58
CA GLN B 222 1.27 34.56 22.16
C GLN B 222 0.31 33.79 21.27
N ILE B 223 0.83 32.94 20.39
CA ILE B 223 -0.04 32.13 19.54
C ILE B 223 -0.80 31.12 20.40
N ILE B 224 -0.10 30.48 21.32
CA ILE B 224 -0.72 29.50 22.21
C ILE B 224 -1.81 30.19 23.02
N PHE B 225 -1.46 31.32 23.63
CA PHE B 225 -2.42 32.03 24.47
C PHE B 225 -3.67 32.40 23.70
N MET B 226 -3.51 32.98 22.53
CA MET B 226 -4.64 33.54 21.80
C MET B 226 -5.51 32.47 21.12
N VAL B 227 -4.89 31.46 20.51
CA VAL B 227 -5.66 30.41 19.88
C VAL B 227 -6.48 29.67 20.93
N GLY B 228 -5.90 29.53 22.13
CA GLY B 228 -6.62 28.96 23.26
C GLY B 228 -7.82 29.77 23.69
N ARG B 229 -7.65 31.08 23.79
CA ARG B 229 -8.74 31.97 24.21
C ARG B 229 -9.74 32.24 23.09
N GLY B 230 -9.49 31.72 21.90
CA GLY B 230 -10.35 31.99 20.76
C GLY B 230 -10.25 33.43 20.29
N TYR B 231 -9.10 34.08 20.55
CA TYR B 231 -8.87 35.42 20.05
C TYR B 231 -8.20 35.40 18.68
N LEU B 232 -7.49 34.32 18.37
CA LEU B 232 -6.75 34.18 17.10
C LEU B 232 -7.26 32.98 16.30
N SER B 233 -7.57 33.20 15.03
CA SER B 233 -8.04 32.15 14.12
C SER B 233 -7.38 32.30 12.75
N PRO B 234 -7.19 31.19 12.02
CA PRO B 234 -6.60 31.29 10.69
C PRO B 234 -7.35 32.24 9.75
N ASP B 235 -6.59 33.01 8.97
CA ASP B 235 -7.14 34.03 8.09
C ASP B 235 -7.67 33.40 6.80
N LEU B 236 -8.97 33.11 6.78
CA LEU B 236 -9.57 32.39 5.65
C LEU B 236 -9.57 33.17 4.32
N SER B 237 -9.35 34.48 4.38
CA SER B 237 -9.28 35.31 3.17
C SER B 237 -8.04 35.00 2.31
N LYS B 238 -7.14 34.18 2.84
CA LYS B 238 -5.90 33.86 2.13
C LYS B 238 -6.02 32.65 1.21
N VAL B 239 -7.18 31.99 1.18
CA VAL B 239 -7.37 30.83 0.31
C VAL B 239 -7.40 31.26 -1.17
N ARG B 240 -6.75 30.48 -2.02
CA ARG B 240 -6.64 30.83 -3.44
C ARG B 240 -8.03 30.96 -4.06
N SER B 241 -8.18 31.93 -4.97
CA SER B 241 -9.51 32.30 -5.50
C SER B 241 -10.20 31.22 -6.32
N ASN B 242 -9.46 30.21 -6.77
CA ASN B 242 -10.04 29.07 -7.48
C ASN B 242 -10.41 27.92 -6.54
N CYS B 243 -10.37 28.15 -5.23
CA CYS B 243 -10.78 27.17 -4.23
C CYS B 243 -12.28 27.20 -4.01
N PRO B 244 -12.98 26.08 -4.32
CA PRO B 244 -14.44 26.06 -4.28
C PRO B 244 -15.02 26.46 -2.93
N LYS B 245 -16.11 27.21 -2.96
CA LYS B 245 -16.76 27.67 -1.73
C LYS B 245 -17.15 26.53 -0.81
N ALA B 246 -17.45 25.37 -1.38
CA ALA B 246 -17.70 24.18 -0.58
C ALA B 246 -16.50 23.87 0.31
N MET B 247 -15.32 23.86 -0.30
CA MET B 247 -14.07 23.53 0.39
C MET B 247 -13.69 24.60 1.41
N LYS B 248 -13.98 25.86 1.11
CA LYS B 248 -13.73 26.94 2.06
C LYS B 248 -14.72 26.87 3.21
N ARG B 249 -15.98 26.57 2.91
CA ARG B 249 -17.01 26.43 3.94
C ARG B 249 -16.70 25.23 4.84
N LEU B 250 -16.19 24.17 4.25
CA LEU B 250 -15.86 22.95 5.00
C LEU B 250 -14.67 23.21 5.93
N MET B 251 -13.70 23.95 5.39
CA MET B 251 -12.53 24.35 6.15
C MET B 251 -12.96 25.11 7.39
N ALA B 252 -13.94 26.00 7.21
CA ALA B 252 -14.48 26.81 8.29
C ALA B 252 -15.11 25.95 9.38
N GLU B 253 -15.86 24.92 8.98
CA GLU B 253 -16.55 24.03 9.92
C GLU B 253 -15.60 23.12 10.68
N CYS B 254 -14.45 22.81 10.08
CA CYS B 254 -13.45 22.00 10.77
C CYS B 254 -12.68 22.82 11.78
N LEU B 255 -12.64 24.14 11.57
CA LEU B 255 -11.86 25.03 12.40
C LEU B 255 -12.68 25.68 13.51
N LYS B 256 -13.96 25.31 13.60
CA LYS B 256 -14.84 25.83 14.67
C LYS B 256 -14.13 25.67 16.02
N LYS B 257 -14.28 26.64 16.90
CA LYS B 257 -13.57 26.62 18.19
C LYS B 257 -14.22 25.68 19.21
N LYS B 258 -15.56 25.59 19.22
CA LYS B 258 -16.25 24.63 20.07
C LYS B 258 -16.20 23.25 19.39
N ARG B 259 -15.71 22.24 20.09
CA ARG B 259 -15.38 20.97 19.43
C ARG B 259 -16.62 20.20 18.99
N ASP B 260 -17.68 20.23 19.80
CA ASP B 260 -18.92 19.52 19.45
C ASP B 260 -19.51 20.04 18.14
N GLU B 261 -19.24 21.30 17.82
CA GLU B 261 -19.70 21.92 16.56
C GLU B 261 -18.91 21.51 15.32
N ARG B 262 -17.90 20.65 15.46
CA ARG B 262 -17.10 20.21 14.32
C ARG B 262 -17.65 18.90 13.76
N PRO B 263 -17.65 18.76 12.43
CA PRO B 263 -18.11 17.51 11.81
C PRO B 263 -17.11 16.37 12.01
N LEU B 264 -17.61 15.16 11.93
CA LEU B 264 -16.76 13.97 11.97
C LEU B 264 -16.39 13.61 10.55
N PHE B 265 -15.55 12.59 10.37
CA PHE B 265 -14.96 12.36 9.05
C PHE B 265 -15.89 11.76 8.00
N PRO B 266 -16.79 10.85 8.41
CA PRO B 266 -17.77 10.42 7.44
C PRO B 266 -18.40 11.60 6.71
N GLN B 267 -18.78 12.64 7.46
CA GLN B 267 -19.40 13.84 6.89
C GLN B 267 -18.41 14.53 5.95
N ILE B 268 -17.21 14.74 6.45
CA ILE B 268 -16.16 15.43 5.69
C ILE B 268 -15.91 14.71 4.35
N LEU B 269 -15.68 13.40 4.44
CA LEU B 269 -15.42 12.60 3.24
C LEU B 269 -16.53 12.80 2.22
N ALA B 270 -17.78 12.72 2.68
CA ALA B 270 -18.93 13.05 1.84
C ALA B 270 -18.73 14.41 1.19
N SER B 271 -18.53 15.44 2.02
CA SER B 271 -18.47 16.82 1.53
C SER B 271 -17.45 17.01 0.42
N ILE B 272 -16.32 16.32 0.52
CA ILE B 272 -15.25 16.42 -0.47
C ILE B 272 -15.62 15.64 -1.73
N GLU B 273 -16.01 14.38 -1.55
CA GLU B 273 -16.51 13.56 -2.66
C GLU B 273 -17.60 14.26 -3.46
N LEU B 274 -18.43 15.06 -2.80
CA LEU B 274 -19.47 15.82 -3.48
C LEU B 274 -18.85 16.83 -4.46
N LEU B 275 -18.02 17.73 -3.94
CA LEU B 275 -17.41 18.79 -4.76
C LEU B 275 -16.35 18.25 -5.72
N ALA B 276 -15.89 17.02 -5.47
CA ALA B 276 -14.97 16.32 -6.39
C ALA B 276 -15.61 15.94 -7.74
N ARG B 277 -16.68 16.62 -8.12
CA ARG B 277 -17.06 16.78 -9.53
C ARG B 277 -17.36 18.26 -9.75
N SER B 278 -16.79 18.81 -10.83
CA SER B 278 -16.78 20.26 -11.09
C SER B 278 -16.06 21.05 -9.97
F1 0JA C . -9.91 -11.23 -1.97
C2 0JA C . -9.88 -10.66 -3.20
C3 0JA C . -10.81 -9.67 -3.51
C4 0JA C . -10.80 -9.07 -4.75
C5 0JA C . -9.84 -9.45 -5.69
O6 0JA C . -9.84 -8.87 -6.93
C7 0JA C . -9.48 -7.61 -7.26
C8 0JA C . -8.78 -6.73 -6.43
C9 0JA C . -8.45 -5.48 -6.90
C10 0JA C . -8.82 -5.08 -8.22
N11 0JA C . -8.62 -3.93 -8.91
C12 0JA C . -9.08 -3.83 -10.12
N13 0JA C . -8.93 -2.76 -11.02
C14 0JA C . -9.45 -2.77 -12.30
O15 0JA C . -10.10 -3.69 -12.69
C16 0JA C . -9.27 -1.67 -13.33
C17 0JA C . -10.22 -0.46 -13.33
C18 0JA C . -8.75 -0.29 -12.92
S19 0JA C . -9.85 -5.35 -10.52
C20 0JA C . -9.52 -6.04 -8.95
N21 0JA C . -9.81 -7.24 -8.48
C22 0JA C . -8.91 -10.46 -5.38
C23 0JA C . -8.93 -11.06 -4.11
N24 0JA C . -8.03 -12.07 -3.71
C25 0JA C . -6.80 -12.30 -4.23
O26 0JA C . -6.38 -11.65 -5.16
C27 0JA C . -5.98 -13.42 -3.73
C28 0JA C . -6.57 -14.67 -3.53
C29 0JA C . -5.83 -15.75 -3.08
C30 0JA C . -4.48 -15.59 -2.82
C31 0JA C . -3.87 -14.37 -3.01
C32 0JA C . -4.61 -13.28 -3.46
CL3 0JA C . -3.80 -11.76 -3.70
C34 0JA C . -2.38 -14.21 -2.73
C35 0JA C . -1.43 -15.34 -3.11
C36 0JA C . -1.44 -14.05 -3.94
C37 0JA C . -2.04 -13.40 -1.56
N38 0JA C . -1.78 -12.80 -0.63
F1 0JA D . 6.94 2.30 12.82
C2 0JA D . 7.44 3.29 12.08
C3 0JA D . 8.60 3.10 11.37
C4 0JA D . 9.12 4.13 10.61
C5 0JA D . 8.45 5.34 10.55
O6 0JA D . 8.96 6.36 9.81
C7 0JA D . 9.13 6.40 8.46
C8 0JA D . 8.48 5.56 7.54
C9 0JA D . 8.72 5.68 6.19
C10 0JA D . 9.61 6.70 5.74
N11 0JA D . 10.00 7.03 4.48
C12 0JA D . 10.85 8.00 4.34
N13 0JA D . 11.32 8.52 3.12
C14 0JA D . 12.17 9.59 3.02
O15 0JA D . 12.60 10.16 4.00
C16 0JA D . 12.60 10.14 1.68
C17 0JA D . 14.05 9.98 1.26
C18 0JA D . 12.95 9.17 0.57
S19 0JA D . 11.25 8.66 5.91
C20 0JA D . 10.21 7.51 6.71
N21 0JA D . 9.95 7.34 8.01
C22 0JA D . 7.27 5.53 11.29
C23 0JA D . 6.75 4.48 12.06
N24 0JA D . 5.57 4.54 12.84
C25 0JA D . 4.55 5.42 12.65
O26 0JA D . 4.61 6.26 11.77
C27 0JA D . 3.34 5.47 13.52
C28 0JA D . 3.44 5.52 14.92
C29 0JA D . 2.30 5.59 15.70
C30 0JA D . 1.04 5.63 15.11
C31 0JA D . 0.92 5.59 13.74
C32 0JA D . 2.06 5.52 12.94
CL3 0JA D . 1.91 5.46 11.22
C34 0JA D . -0.40 5.66 13.08
C35 0JA D . -0.94 6.26 11.81
C36 0JA D . -1.60 6.56 13.15
C37 0JA D . -0.87 4.28 13.12
N38 0JA D . -1.26 3.22 13.14
#